data_9C65
#
_entry.id   9C65
#
_cell.length_a   104.464
_cell.length_b   104.464
_cell.length_c   62.136
_cell.angle_alpha   90.000
_cell.angle_beta   90.000
_cell.angle_gamma   120.000
#
_symmetry.space_group_name_H-M   'P 31 2 1'
#
loop_
_entity.id
_entity.type
_entity.pdbx_description
1 polymer 'Superantigen-like protein 11'
2 non-polymer GLYCEROL
3 non-polymer (4S)-2-METHYL-2,4-PENTANEDIOL
4 non-polymer 'N-acetyl-alpha-neuraminic acid'
5 non-polymer 4-(hydroxymethyl)-1-beta-L-mannopyranosyl-1H-1,2,3-triazole
6 water water
#
_entity_poly.entity_id   1
_entity_poly.type   'polypeptide(L)'
_entity_poly.pdbx_seq_one_letter_code
;STLEVRSQATQDLSEYYNRPYFDLRNLSGYREGNTVTFINHYQQTDVKLEGKDKDKIKDGNNENLDVFVVREGSGRQADN
NSIGGITKTNRTQHIDTVQNVNLLVSKSTGQHTTSVTSTNYSIYKEEISLKELDFKLRKHLIDKHDLYKTEPKDSKIRVT
MKNGDFYTFELNKKLQTHRMGDVIDGRNIEKIEVNL
;
_entity_poly.pdbx_strand_id   A
#
# COMPACT_ATOMS: atom_id res chain seq x y z
N ALA A 9 0.89 -20.93 -4.24
CA ALA A 9 1.26 -19.71 -3.46
C ALA A 9 1.37 -18.51 -4.39
N THR A 10 2.13 -18.62 -5.50
CA THR A 10 2.18 -17.60 -6.55
C THR A 10 0.75 -17.33 -7.03
N GLN A 11 -0.03 -18.40 -7.23
CA GLN A 11 -1.43 -18.28 -7.66
C GLN A 11 -2.20 -17.47 -6.64
N ASP A 12 -1.87 -17.76 -5.37
CA ASP A 12 -2.60 -17.21 -4.25
C ASP A 12 -2.30 -15.74 -4.16
N LEU A 13 -1.01 -15.44 -4.31
CA LEU A 13 -0.49 -14.09 -4.31
C LEU A 13 -1.15 -13.28 -5.43
N SER A 14 -1.24 -13.82 -6.65
CA SER A 14 -1.85 -13.04 -7.71
C SER A 14 -3.36 -12.91 -7.47
N GLU A 15 -4.00 -13.91 -6.87
CA GLU A 15 -5.43 -13.75 -6.63
C GLU A 15 -5.66 -12.59 -5.65
N TYR A 16 -4.76 -12.47 -4.69
CA TYR A 16 -4.87 -11.50 -3.61
C TYR A 16 -4.65 -10.11 -4.21
N TYR A 17 -3.52 -9.93 -4.89
CA TYR A 17 -3.16 -8.62 -5.41
C TYR A 17 -3.98 -8.25 -6.63
N ASN A 18 -4.78 -9.18 -7.15
CA ASN A 18 -5.74 -8.79 -8.17
C ASN A 18 -7.07 -8.38 -7.60
N ARG A 19 -7.28 -8.44 -6.30
CA ARG A 19 -8.59 -8.10 -5.80
C ARG A 19 -8.85 -6.61 -5.94
N PRO A 20 -10.11 -6.17 -5.91
CA PRO A 20 -10.40 -4.74 -5.95
C PRO A 20 -9.82 -4.16 -4.68
N TYR A 21 -9.63 -2.84 -4.67
CA TYR A 21 -9.41 -2.11 -3.45
C TYR A 21 -10.27 -0.88 -3.44
N PHE A 22 -10.41 -0.32 -2.23
CA PHE A 22 -11.30 0.80 -2.06
C PHE A 22 -10.55 1.85 -1.28
N ASP A 23 -10.63 3.08 -1.81
CA ASP A 23 -9.80 4.13 -1.32
C ASP A 23 -10.76 5.08 -0.71
N LEU A 24 -10.93 4.99 0.64
CA LEU A 24 -11.96 5.82 1.29
C LEU A 24 -11.33 7.06 1.88
N ARG A 25 -12.03 8.17 1.86
CA ARG A 25 -11.37 9.43 2.23
C ARG A 25 -12.19 10.28 3.18
N ASN A 26 -11.48 10.81 4.14
CA ASN A 26 -12.03 11.78 5.05
C ASN A 26 -13.35 11.32 5.66
N LEU A 27 -13.32 10.18 6.31
CA LEU A 27 -14.47 9.72 7.06
C LEU A 27 -14.09 9.30 8.49
N SER A 28 -15.12 9.00 9.29
CA SER A 28 -14.94 8.58 10.69
C SER A 28 -14.74 7.07 10.81
N GLY A 29 -13.81 6.66 11.70
CA GLY A 29 -13.62 5.28 12.12
C GLY A 29 -13.82 5.17 13.66
N TYR A 30 -14.59 4.15 14.06
CA TYR A 30 -15.02 3.97 15.44
C TYR A 30 -14.28 2.74 15.98
N ARG A 31 -13.34 2.96 16.89
CA ARG A 31 -12.57 1.83 17.39
C ARG A 31 -13.29 1.23 18.62
N GLU A 32 -13.54 -0.06 18.51
CA GLU A 32 -14.01 -0.99 19.54
C GLU A 32 -13.06 -2.18 19.55
N GLY A 33 -12.28 -2.26 20.62
CA GLY A 33 -11.33 -3.36 20.74
C GLY A 33 -10.18 -3.11 19.81
N ASN A 34 -9.95 -4.03 18.90
CA ASN A 34 -8.87 -3.92 17.91
C ASN A 34 -9.47 -3.83 16.50
N THR A 35 -10.69 -3.32 16.45
CA THR A 35 -11.40 -3.18 15.21
C THR A 35 -11.86 -1.74 15.09
N VAL A 36 -11.67 -1.20 13.88
CA VAL A 36 -12.22 0.08 13.49
C VAL A 36 -13.24 -0.16 12.42
N THR A 37 -14.41 0.37 12.72
CA THR A 37 -15.54 0.28 11.82
C THR A 37 -15.74 1.57 11.01
N PHE A 38 -15.93 1.42 9.68
CA PHE A 38 -16.25 2.56 8.79
C PHE A 38 -17.60 2.31 8.11
N ILE A 39 -18.42 3.35 7.98
CA ILE A 39 -19.68 3.20 7.30
C ILE A 39 -19.70 4.19 6.11
N ASN A 40 -20.02 3.69 4.92
CA ASN A 40 -20.26 4.44 3.70
C ASN A 40 -21.74 4.43 3.31
N HIS A 41 -22.14 5.40 2.48
N HIS A 41 -22.17 5.36 2.45
CA HIS A 41 -23.42 5.34 1.78
CA HIS A 41 -23.52 5.28 1.87
C HIS A 41 -23.42 4.12 0.86
C HIS A 41 -23.63 3.94 1.15
N TYR A 42 -22.55 3.15 1.13
CA TYR A 42 -22.54 1.91 0.37
C TYR A 42 -22.16 0.69 1.20
N GLN A 43 -21.20 0.79 2.13
CA GLN A 43 -20.72 -0.41 2.81
C GLN A 43 -20.36 -0.07 4.27
N GLN A 44 -20.60 -1.02 5.19
CA GLN A 44 -19.88 -1.01 6.46
C GLN A 44 -18.63 -1.91 6.41
N THR A 45 -17.46 -1.35 6.75
CA THR A 45 -16.19 -2.09 6.72
C THR A 45 -15.50 -2.11 8.10
N ASP A 46 -14.99 -3.26 8.47
CA ASP A 46 -14.38 -3.43 9.77
C ASP A 46 -12.91 -3.69 9.58
N VAL A 47 -12.08 -2.87 10.21
CA VAL A 47 -10.66 -2.94 9.90
C VAL A 47 -9.91 -3.30 11.18
N LYS A 48 -9.05 -4.28 11.01
CA LYS A 48 -8.29 -4.84 12.08
C LYS A 48 -7.00 -4.05 12.26
N LEU A 49 -6.77 -3.79 13.56
CA LEU A 49 -5.50 -3.27 14.02
C LEU A 49 -4.67 -4.44 14.52
N GLU A 50 -3.58 -4.70 13.79
CA GLU A 50 -2.70 -5.81 14.04
C GLU A 50 -1.30 -5.34 14.31
N GLY A 51 -0.98 -4.06 14.29
CA GLY A 51 0.41 -3.70 14.53
C GLY A 51 0.47 -2.48 15.44
N LYS A 52 1.41 -1.58 15.11
CA LYS A 52 1.59 -0.33 15.82
C LYS A 52 0.41 0.60 15.61
N ASP A 53 -0.45 0.27 14.62
CA ASP A 53 -1.71 1.00 14.49
C ASP A 53 -2.43 0.92 15.83
N LYS A 54 -2.29 -0.17 16.61
CA LYS A 54 -3.07 -0.35 17.85
C LYS A 54 -2.81 0.81 18.80
N ASP A 55 -1.62 1.36 18.75
CA ASP A 55 -1.14 2.40 19.62
C ASP A 55 -1.55 3.80 19.20
N LYS A 56 -2.01 4.06 17.96
CA LYS A 56 -2.36 5.43 17.65
C LYS A 56 -3.85 5.70 17.55
N ILE A 57 -4.67 4.75 17.11
CA ILE A 57 -6.08 5.07 17.00
C ILE A 57 -6.71 5.09 18.43
N LYS A 58 -7.42 6.15 18.81
CA LYS A 58 -8.18 6.22 20.06
C LYS A 58 -9.38 5.27 20.10
N ASP A 59 -9.70 4.80 21.29
CA ASP A 59 -10.91 4.02 21.43
C ASP A 59 -12.07 4.94 21.09
N GLY A 60 -13.18 4.40 20.54
CA GLY A 60 -14.28 5.27 20.14
C GLY A 60 -14.06 5.95 18.79
N ASN A 61 -14.64 7.10 18.62
CA ASN A 61 -14.72 7.78 17.35
C ASN A 61 -13.45 8.52 17.00
N ASN A 62 -12.94 8.23 15.80
CA ASN A 62 -11.83 8.97 15.19
C ASN A 62 -12.26 9.66 13.89
N GLU A 63 -12.15 10.98 13.83
CA GLU A 63 -12.56 11.75 12.67
C GLU A 63 -11.45 11.96 11.65
N ASN A 64 -11.87 12.22 10.39
CA ASN A 64 -10.95 12.66 9.35
C ASN A 64 -9.86 11.65 9.13
N LEU A 65 -10.32 10.41 8.94
CA LEU A 65 -9.41 9.37 8.44
C LEU A 65 -9.58 9.10 6.96
N ASP A 66 -8.54 8.51 6.38
CA ASP A 66 -8.69 7.87 5.11
C ASP A 66 -8.41 6.40 5.42
N VAL A 67 -8.90 5.48 4.56
CA VAL A 67 -8.57 4.11 4.74
C VAL A 67 -8.54 3.39 3.40
N PHE A 68 -7.50 2.59 3.24
CA PHE A 68 -7.28 1.70 2.12
C PHE A 68 -7.70 0.28 2.47
N VAL A 69 -8.82 -0.14 1.82
CA VAL A 69 -9.51 -1.38 2.09
C VAL A 69 -9.29 -2.43 1.00
N VAL A 70 -8.91 -3.62 1.46
CA VAL A 70 -8.85 -4.87 0.69
C VAL A 70 -9.50 -5.95 1.55
N ARG A 71 -10.58 -6.52 1.02
CA ARG A 71 -11.39 -7.54 1.67
C ARG A 71 -10.55 -8.79 1.75
N GLU A 72 -10.47 -9.37 2.99
CA GLU A 72 -9.49 -10.41 3.30
C GLU A 72 -10.05 -11.80 3.03
N GLY A 73 -9.15 -12.71 2.64
CA GLY A 73 -9.46 -14.14 2.58
C GLY A 73 -9.72 -14.64 1.17
N ASN A 80 -16.79 -8.33 5.00
CA ASN A 80 -16.20 -6.96 4.87
C ASN A 80 -15.21 -6.70 6.03
N ASN A 81 -14.09 -7.46 5.98
CA ASN A 81 -12.96 -7.26 6.87
C ASN A 81 -11.71 -6.88 6.09
N SER A 82 -10.98 -5.89 6.58
CA SER A 82 -9.73 -5.52 5.94
C SER A 82 -8.71 -5.36 7.06
N ILE A 83 -7.43 -5.27 6.79
CA ILE A 83 -6.45 -5.08 7.83
C ILE A 83 -5.63 -3.84 7.56
N GLY A 84 -5.57 -2.92 8.51
CA GLY A 84 -4.64 -1.78 8.47
C GLY A 84 -5.13 -0.73 7.48
N GLY A 85 -4.12 -0.09 6.86
CA GLY A 85 -4.35 0.86 5.78
C GLY A 85 -5.06 2.14 6.27
N ILE A 86 -5.06 2.45 7.56
CA ILE A 86 -5.69 3.68 8.00
C ILE A 86 -4.71 4.82 8.08
N THR A 87 -5.08 6.04 7.64
CA THR A 87 -4.16 7.19 7.67
C THR A 87 -4.92 8.45 8.08
N LYS A 88 -4.19 9.47 8.52
CA LYS A 88 -4.82 10.79 8.68
C LYS A 88 -5.21 11.27 7.26
N THR A 89 -6.40 11.85 7.05
CA THR A 89 -6.72 12.48 5.76
C THR A 89 -5.80 13.67 5.49
N ASN A 90 -5.74 14.15 4.26
CA ASN A 90 -4.95 15.34 3.98
C ASN A 90 -5.51 16.57 4.67
N ARG A 91 -4.64 17.42 5.23
CA ARG A 91 -5.10 18.63 5.89
C ARG A 91 -5.64 19.65 4.88
N THR A 92 -5.13 19.65 3.66
CA THR A 92 -5.54 20.58 2.62
C THR A 92 -5.89 19.77 1.38
N GLN A 93 -6.87 20.25 0.60
CA GLN A 93 -7.05 19.77 -0.77
C GLN A 93 -5.79 19.99 -1.61
N HIS A 94 -5.28 18.92 -2.18
CA HIS A 94 -4.15 18.99 -3.07
C HIS A 94 -4.69 18.57 -4.41
N ILE A 95 -5.18 19.53 -5.20
CA ILE A 95 -5.54 19.27 -6.59
C ILE A 95 -4.26 18.94 -7.38
N ASP A 96 -3.15 19.66 -7.10
CA ASP A 96 -1.83 19.26 -7.57
C ASP A 96 -1.30 18.11 -6.68
N THR A 97 -0.33 17.32 -7.18
CA THR A 97 0.18 16.20 -6.39
C THR A 97 1.02 16.68 -5.21
N VAL A 98 1.17 15.80 -4.22
CA VAL A 98 1.98 16.01 -3.03
C VAL A 98 3.46 15.75 -3.31
N GLN A 99 3.79 14.75 -4.16
CA GLN A 99 5.18 14.37 -4.44
C GLN A 99 5.19 13.59 -5.74
N ASN A 100 6.26 13.80 -6.52
CA ASN A 100 6.58 12.95 -7.66
C ASN A 100 7.80 12.10 -7.32
N VAL A 101 7.67 10.82 -7.64
CA VAL A 101 8.56 9.77 -7.16
C VAL A 101 9.04 8.96 -8.35
N ASN A 102 10.36 8.78 -8.44
CA ASN A 102 10.82 8.00 -9.55
C ASN A 102 10.61 6.54 -9.16
N LEU A 103 9.78 5.82 -9.94
CA LEU A 103 9.71 4.35 -9.95
C LEU A 103 10.56 3.72 -11.06
N LEU A 104 11.36 2.76 -10.61
CA LEU A 104 12.44 2.12 -11.33
C LEU A 104 12.27 0.62 -11.25
N VAL A 105 11.75 0.00 -12.31
CA VAL A 105 11.59 -1.44 -12.34
C VAL A 105 12.73 -2.03 -13.16
N SER A 106 13.35 -3.10 -12.69
CA SER A 106 14.42 -3.73 -13.44
C SER A 106 14.07 -5.23 -13.62
N LYS A 107 14.02 -5.71 -14.84
CA LYS A 107 13.67 -7.09 -15.14
C LYS A 107 14.81 -7.69 -15.98
N SER A 108 15.24 -8.90 -15.62
CA SER A 108 16.18 -9.68 -16.36
C SER A 108 15.43 -10.76 -17.12
N THR A 109 15.09 -10.50 -18.40
CA THR A 109 14.38 -11.47 -19.24
C THR A 109 15.35 -12.55 -19.71
N GLY A 110 16.47 -12.68 -19.01
CA GLY A 110 17.34 -13.85 -19.19
C GLY A 110 18.73 -13.54 -18.65
N GLN A 111 19.67 -14.49 -18.86
CA GLN A 111 21.08 -14.23 -18.59
C GLN A 111 21.64 -13.28 -19.65
N HIS A 112 20.88 -13.08 -20.74
CA HIS A 112 21.33 -12.23 -21.81
C HIS A 112 20.76 -10.82 -21.74
N THR A 113 19.52 -10.57 -21.26
CA THR A 113 18.89 -9.26 -21.40
CA THR A 113 18.88 -9.27 -21.41
C THR A 113 18.43 -8.72 -20.04
N THR A 114 18.76 -7.45 -19.77
CA THR A 114 18.22 -6.74 -18.63
C THR A 114 17.51 -5.45 -19.08
N SER A 115 16.36 -5.06 -18.47
CA SER A 115 15.74 -3.75 -18.72
C SER A 115 15.49 -2.93 -17.46
N VAL A 116 15.31 -1.65 -17.68
CA VAL A 116 14.89 -0.73 -16.66
C VAL A 116 13.75 0.08 -17.26
N THR A 117 12.60 0.03 -16.59
CA THR A 117 11.55 0.99 -16.85
C THR A 117 11.62 2.10 -15.80
N SER A 118 11.58 3.36 -16.24
CA SER A 118 11.75 4.44 -15.31
C SER A 118 10.56 5.35 -15.51
N THR A 119 9.74 5.51 -14.47
CA THR A 119 8.56 6.35 -14.60
C THR A 119 8.37 7.18 -13.34
N ASN A 120 7.27 7.93 -13.36
CA ASN A 120 6.87 8.84 -12.31
C ASN A 120 5.66 8.28 -11.57
N TYR A 121 5.81 8.02 -10.27
CA TYR A 121 4.69 7.61 -9.40
C TYR A 121 4.28 8.89 -8.65
N SER A 122 3.07 9.37 -8.90
CA SER A 122 2.52 10.47 -8.14
C SER A 122 2.07 10.05 -6.75
N ILE A 123 2.32 10.91 -5.78
CA ILE A 123 1.80 10.69 -4.46
C ILE A 123 0.78 11.77 -4.19
N TYR A 124 -0.44 11.39 -3.82
CA TYR A 124 -1.50 12.36 -3.50
C TYR A 124 -1.80 12.39 -1.98
N LYS A 125 -1.14 11.54 -1.16
CA LYS A 125 -1.44 11.57 0.26
C LYS A 125 -0.27 12.11 1.07
N GLU A 126 -0.58 13.05 1.96
CA GLU A 126 0.37 13.49 2.99
C GLU A 126 0.85 12.28 3.84
N GLU A 127 -0.07 11.38 4.14
CA GLU A 127 0.26 10.25 4.97
C GLU A 127 -0.18 9.01 4.22
N ILE A 128 0.76 8.09 3.98
CA ILE A 128 0.31 6.92 3.26
C ILE A 128 0.71 5.65 3.99
N SER A 129 -0.18 4.67 3.93
CA SER A 129 0.14 3.37 4.50
C SER A 129 1.03 2.54 3.61
N LEU A 130 1.79 1.65 4.25
CA LEU A 130 2.48 0.58 3.53
C LEU A 130 1.49 -0.34 2.86
N LYS A 131 0.31 -0.47 3.42
CA LYS A 131 -0.65 -1.33 2.76
C LYS A 131 -0.88 -0.83 1.32
N GLU A 132 -1.09 0.49 1.17
CA GLU A 132 -1.44 1.14 -0.06
C GLU A 132 -0.30 1.06 -1.05
N LEU A 133 0.92 1.39 -0.60
CA LEU A 133 2.06 1.31 -1.50
C LEU A 133 2.24 -0.12 -2.00
N ASP A 134 2.23 -1.05 -1.03
CA ASP A 134 2.50 -2.42 -1.37
C ASP A 134 1.47 -2.90 -2.37
N PHE A 135 0.21 -2.65 -2.08
CA PHE A 135 -0.83 -3.25 -2.91
C PHE A 135 -0.86 -2.65 -4.34
N LYS A 136 -0.71 -1.30 -4.41
CA LYS A 136 -0.84 -0.59 -5.67
C LYS A 136 0.32 -0.88 -6.59
N LEU A 137 1.54 -0.85 -6.04
CA LEU A 137 2.74 -1.21 -6.77
C LEU A 137 2.64 -2.64 -7.23
N ARG A 138 2.11 -3.52 -6.42
CA ARG A 138 2.03 -4.88 -6.93
C ARG A 138 1.01 -4.98 -8.04
N LYS A 139 -0.04 -4.18 -8.00
CA LYS A 139 -1.01 -4.30 -9.05
C LYS A 139 -0.39 -3.80 -10.36
N HIS A 140 0.32 -2.70 -10.21
CA HIS A 140 1.05 -2.14 -11.30
C HIS A 140 1.95 -3.20 -11.93
N LEU A 141 2.65 -3.95 -11.08
CA LEU A 141 3.70 -4.83 -11.53
C LEU A 141 3.05 -6.04 -12.21
N ILE A 142 1.85 -6.36 -11.78
CA ILE A 142 1.11 -7.47 -12.38
C ILE A 142 0.66 -7.05 -13.78
N ASP A 143 0.26 -5.78 -13.90
CA ASP A 143 -0.48 -5.29 -15.05
C ASP A 143 0.54 -5.05 -16.16
N LYS A 144 1.69 -4.53 -15.79
CA LYS A 144 2.61 -3.99 -16.76
C LYS A 144 3.92 -4.77 -16.78
N HIS A 145 4.15 -5.71 -15.87
CA HIS A 145 5.44 -6.37 -15.86
C HIS A 145 5.28 -7.84 -15.50
N ASP A 146 4.10 -8.39 -15.80
CA ASP A 146 4.00 -9.85 -15.74
C ASP A 146 4.26 -10.48 -14.37
N LEU A 147 4.07 -9.75 -13.27
CA LEU A 147 4.43 -10.25 -11.95
C LEU A 147 3.52 -11.42 -11.62
N TYR A 148 4.09 -12.52 -11.12
CA TYR A 148 3.27 -13.67 -10.74
C TYR A 148 2.82 -14.48 -11.96
N LYS A 149 3.28 -14.12 -13.17
CA LYS A 149 3.32 -15.08 -14.27
C LYS A 149 4.43 -16.11 -14.08
N THR A 150 5.51 -15.71 -13.40
CA THR A 150 6.53 -16.63 -12.95
C THR A 150 6.63 -16.59 -11.43
N GLU A 151 7.21 -17.63 -10.87
CA GLU A 151 7.68 -17.63 -9.49
C GLU A 151 8.53 -16.39 -9.22
N PRO A 152 8.18 -15.57 -8.17
CA PRO A 152 8.88 -14.33 -7.81
C PRO A 152 10.25 -14.47 -7.20
N LYS A 153 10.50 -15.60 -6.51
CA LYS A 153 11.81 -15.87 -5.94
C LYS A 153 12.13 -14.72 -5.01
N ASP A 154 13.18 -13.97 -5.35
CA ASP A 154 13.88 -13.10 -4.43
C ASP A 154 13.52 -11.63 -4.62
N SER A 155 12.67 -11.34 -5.61
CA SER A 155 12.40 -9.97 -6.01
C SER A 155 11.58 -9.23 -4.94
N LYS A 156 11.91 -7.95 -4.83
CA LYS A 156 11.50 -7.09 -3.77
C LYS A 156 11.14 -5.72 -4.35
N ILE A 157 10.13 -5.05 -3.77
CA ILE A 157 9.99 -3.61 -3.93
C ILE A 157 10.78 -3.00 -2.78
N ARG A 158 11.40 -1.84 -3.07
CA ARG A 158 12.01 -1.06 -2.00
C ARG A 158 11.68 0.41 -2.19
N VAL A 159 11.17 1.00 -1.09
CA VAL A 159 10.77 2.38 -1.03
C VAL A 159 11.78 3.16 -0.20
N THR A 160 12.42 4.18 -0.77
CA THR A 160 13.48 4.87 -0.07
C THR A 160 13.03 6.30 0.14
N MET A 161 13.31 6.78 1.35
CA MET A 161 12.96 8.13 1.73
C MET A 161 14.15 9.05 1.51
N LYS A 162 13.87 10.36 1.55
CA LYS A 162 14.85 11.42 1.50
C LYS A 162 15.91 11.35 2.59
N ASN A 163 15.56 10.81 3.74
CA ASN A 163 16.53 10.70 4.82
C ASN A 163 17.27 9.37 4.71
N GLY A 164 17.00 8.55 3.68
CA GLY A 164 17.73 7.30 3.55
C GLY A 164 17.03 6.10 4.19
N ASP A 165 16.11 6.32 5.18
CA ASP A 165 15.25 5.27 5.68
C ASP A 165 14.58 4.54 4.51
N PHE A 166 14.26 3.26 4.69
CA PHE A 166 13.66 2.50 3.61
C PHE A 166 12.69 1.42 4.11
N TYR A 167 11.81 1.01 3.21
CA TYR A 167 10.84 -0.03 3.46
C TYR A 167 10.89 -1.06 2.33
N THR A 168 10.99 -2.32 2.70
CA THR A 168 11.08 -3.42 1.76
C THR A 168 9.78 -4.22 1.76
N PHE A 169 9.38 -4.58 0.55
CA PHE A 169 8.27 -5.49 0.31
C PHE A 169 8.79 -6.68 -0.48
N GLU A 170 8.74 -7.83 0.16
CA GLU A 170 9.12 -9.07 -0.49
C GLU A 170 7.95 -9.61 -1.28
N LEU A 171 8.20 -9.85 -2.58
CA LEU A 171 7.16 -10.16 -3.55
C LEU A 171 6.81 -11.65 -3.53
N ASN A 172 7.57 -12.42 -2.78
CA ASN A 172 7.27 -13.84 -2.61
C ASN A 172 6.32 -14.07 -1.46
N LYS A 173 5.96 -13.04 -0.67
CA LYS A 173 4.89 -13.23 0.32
C LYS A 173 4.01 -11.99 0.38
N LYS A 174 2.77 -12.17 0.86
CA LYS A 174 1.95 -11.04 1.20
C LYS A 174 2.72 -10.15 2.17
N LEU A 175 2.44 -8.83 2.12
CA LEU A 175 2.87 -7.91 3.13
C LEU A 175 2.43 -8.42 4.51
N GLN A 176 3.33 -8.35 5.51
CA GLN A 176 3.02 -8.84 6.84
C GLN A 176 1.94 -7.96 7.42
N THR A 177 0.92 -8.64 7.98
CA THR A 177 -0.24 -7.94 8.51
C THR A 177 0.12 -6.84 9.52
N HIS A 178 1.16 -7.08 10.37
CA HIS A 178 1.51 -6.07 11.37
C HIS A 178 2.08 -4.77 10.74
N ARG A 179 2.50 -4.85 9.45
CA ARG A 179 3.01 -3.70 8.70
C ARG A 179 1.94 -2.91 7.91
N MET A 180 0.75 -3.50 7.71
CA MET A 180 -0.29 -2.88 6.91
C MET A 180 -0.75 -1.54 7.47
N GLY A 181 -0.55 -1.34 8.77
CA GLY A 181 -1.05 -0.12 9.41
C GLY A 181 0.08 0.87 9.67
N ASP A 182 1.31 0.55 9.24
CA ASP A 182 2.44 1.46 9.36
C ASP A 182 2.31 2.51 8.27
N VAL A 183 2.55 3.77 8.64
CA VAL A 183 2.36 4.88 7.72
C VAL A 183 3.64 5.70 7.63
N ILE A 184 3.80 6.33 6.45
CA ILE A 184 4.93 7.21 6.21
C ILE A 184 4.45 8.53 5.61
N ASP A 185 5.40 9.44 5.66
CA ASP A 185 5.17 10.75 5.09
C ASP A 185 5.41 10.70 3.58
N GLY A 186 4.33 10.92 2.80
CA GLY A 186 4.37 10.83 1.34
C GLY A 186 5.24 11.90 0.67
N ARG A 187 5.30 13.08 1.26
CA ARG A 187 6.22 14.14 0.90
C ARG A 187 7.66 13.66 0.97
N ASN A 188 8.04 12.72 1.86
CA ASN A 188 9.45 12.39 1.99
C ASN A 188 9.84 11.10 1.29
N ILE A 189 8.94 10.50 0.52
CA ILE A 189 9.37 9.40 -0.32
C ILE A 189 10.32 9.98 -1.39
N GLU A 190 11.44 9.26 -1.67
CA GLU A 190 12.46 9.74 -2.59
C GLU A 190 12.36 8.96 -3.90
N LYS A 191 12.37 7.66 -3.81
CA LYS A 191 12.17 6.82 -4.98
C LYS A 191 11.68 5.43 -4.58
N ILE A 192 11.28 4.68 -5.57
CA ILE A 192 10.83 3.31 -5.44
C ILE A 192 11.61 2.48 -6.46
N GLU A 193 12.14 1.32 -6.04
CA GLU A 193 12.91 0.46 -6.91
C GLU A 193 12.41 -0.95 -6.74
N VAL A 194 12.28 -1.63 -7.88
CA VAL A 194 11.85 -3.01 -7.95
C VAL A 194 12.85 -3.77 -8.79
N ASN A 195 13.18 -5.00 -8.38
CA ASN A 195 14.02 -5.89 -9.17
C ASN A 195 13.29 -7.19 -9.43
N LEU A 196 12.64 -7.32 -10.58
CA LEU A 196 12.04 -8.59 -10.95
C LEU A 196 13.12 -9.59 -11.52
#